data_5APJ
#
_entry.id   5APJ
#
_cell.length_a   61.950
_cell.length_b   61.950
_cell.length_c   159.600
_cell.angle_alpha   90.00
_cell.angle_beta   90.00
_cell.angle_gamma   90.00
#
_symmetry.space_group_name_H-M   'P 41 21 2'
#
loop_
_entity.id
_entity.type
_entity.pdbx_description
1 polymer 'NUCLEAR RECEPTOR ROR-GAMMA'
2 polymer 'NUCLEAR RECEPTOR COACTIVATOR 2'
3 non-polymer 2-CHLORO-6-FLUORO-N-[4-[3-(TRIFLUOROMETHYL)PHENYL]SULFONYL-3,5-DIHYDRO-2H-1,4-BENZOXAZEPIN-7-YL]BENZAMIDE
4 non-polymer 'SODIUM ION'
5 water water
#
loop_
_entity_poly.entity_id
_entity_poly.type
_entity_poly.pdbx_seq_one_letter_code
_entity_poly.pdbx_strand_id
1 'polypeptide(L)'
;HNHNHNHNHNHNGGENLYFQGASLTEIEHLVQSVCKSYRETCQLRLEDLLRQRSNIFSREEVTGYQRKSMWEMWERCAHH
LTEAIQYVVEFAKRLSGFMELCQNDQIVLLKAGAMEVVLVRMCRAYNADNRTVFFEGKYGGMELFRALGCSELISSIFDF
SHSLSALHFSEDEIALYTALVLINAHRPGLQEKRKVEQLQYNLELAFHHHLCKTHRQSILAKLPPKGKLRSLCSQHVERL
QIFQHLHPIVVQAAFPPLYKELFSGG
;
A
2 'polypeptide(L)' KHKILHRLLQDS C
#
# COMPACT_ATOMS: atom_id res chain seq x y z
N GLU A 15 -26.23 3.61 -8.28
CA GLU A 15 -25.49 4.53 -7.41
C GLU A 15 -24.22 5.02 -8.11
N ASN A 16 -23.70 4.20 -9.05
CA ASN A 16 -22.52 4.52 -9.85
C ASN A 16 -22.56 3.70 -11.13
N LEU A 17 -22.03 4.27 -12.24
CA LEU A 17 -21.94 3.64 -13.56
C LEU A 17 -21.12 2.33 -13.49
N TYR A 18 -20.06 2.30 -12.65
CA TYR A 18 -19.22 1.11 -12.50
C TYR A 18 -19.80 -0.01 -11.64
N PHE A 19 -21.04 0.19 -11.13
CA PHE A 19 -21.82 -0.83 -10.39
C PHE A 19 -22.66 -1.69 -11.35
N GLN A 20 -22.59 -1.39 -12.65
CA GLN A 20 -23.22 -2.12 -13.75
C GLN A 20 -22.17 -2.38 -14.84
N GLY A 21 -22.55 -3.12 -15.89
CA GLY A 21 -21.69 -3.41 -17.03
C GLY A 21 -21.30 -2.15 -17.79
N ALA A 22 -20.00 -1.89 -17.93
CA ALA A 22 -19.50 -0.71 -18.61
C ALA A 22 -19.06 -1.01 -20.05
N SER A 23 -19.29 -0.08 -20.96
CA SER A 23 -18.89 -0.15 -22.36
C SER A 23 -17.37 0.06 -22.44
N LEU A 24 -16.79 -0.12 -23.64
CA LEU A 24 -15.37 0.13 -23.87
C LEU A 24 -14.99 1.58 -23.57
N THR A 25 -15.80 2.54 -24.04
CA THR A 25 -15.60 3.98 -23.85
C THR A 25 -15.60 4.32 -22.35
N GLU A 26 -16.52 3.71 -21.58
CA GLU A 26 -16.61 3.87 -20.12
C GLU A 26 -15.45 3.21 -19.41
N ILE A 27 -14.88 2.12 -20.00
CA ILE A 27 -13.69 1.45 -19.47
C ILE A 27 -12.50 2.36 -19.72
N GLU A 28 -12.42 2.99 -20.91
CA GLU A 28 -11.33 3.92 -21.19
C GLU A 28 -11.33 5.10 -20.18
N HIS A 29 -12.54 5.64 -19.89
CA HIS A 29 -12.68 6.73 -18.91
C HIS A 29 -12.16 6.28 -17.51
N LEU A 30 -12.47 5.03 -17.12
CA LEU A 30 -12.05 4.44 -15.85
C LEU A 30 -10.54 4.40 -15.75
N VAL A 31 -9.85 3.96 -16.81
CA VAL A 31 -8.37 3.97 -16.86
C VAL A 31 -7.87 5.36 -16.45
N GLN A 32 -8.32 6.40 -17.19
CA GLN A 32 -7.96 7.79 -16.92
C GLN A 32 -8.28 8.28 -15.51
N SER A 33 -9.45 7.90 -14.97
CA SER A 33 -9.93 8.29 -13.63
C SER A 33 -9.01 7.72 -12.51
N VAL A 34 -8.68 6.40 -12.59
CA VAL A 34 -7.81 5.68 -11.66
C VAL A 34 -6.42 6.27 -11.70
N CYS A 35 -5.87 6.43 -12.91
CA CYS A 35 -4.54 7.01 -13.11
C CYS A 35 -4.47 8.44 -12.53
N LYS A 36 -5.55 9.20 -12.64
CA LYS A 36 -5.60 10.55 -12.11
C LYS A 36 -5.68 10.53 -10.57
N SER A 37 -6.53 9.65 -10.00
CA SER A 37 -6.69 9.51 -8.55
C SER A 37 -5.35 9.12 -7.94
N TYR A 38 -4.62 8.21 -8.60
CA TYR A 38 -3.28 7.78 -8.17
C TYR A 38 -2.25 8.92 -8.16
N ARG A 39 -2.12 9.64 -9.32
CA ARG A 39 -1.24 10.81 -9.56
C ARG A 39 -1.38 11.83 -8.42
N GLU A 40 -2.64 12.17 -8.08
CA GLU A 40 -3.04 13.12 -7.02
C GLU A 40 -2.82 12.63 -5.58
N THR A 41 -2.67 11.30 -5.36
CA THR A 41 -2.55 10.73 -4.00
C THR A 41 -1.25 10.06 -3.72
N CYS A 42 -0.30 10.30 -4.61
CA CYS A 42 1.07 9.89 -4.46
C CYS A 42 1.63 10.74 -3.35
N GLN A 43 2.18 10.07 -2.37
CA GLN A 43 2.83 10.69 -1.24
C GLN A 43 4.22 11.13 -1.73
N LEU A 44 4.89 10.28 -2.52
CA LEU A 44 6.21 10.54 -3.06
C LEU A 44 6.20 10.53 -4.60
N ARG A 45 6.79 11.57 -5.20
CA ARG A 45 6.96 11.71 -6.65
C ARG A 45 8.04 10.73 -7.12
N LEU A 46 7.79 10.03 -8.24
CA LEU A 46 8.74 9.07 -8.81
C LEU A 46 10.08 9.73 -9.14
N GLU A 47 10.03 10.93 -9.75
CA GLU A 47 11.23 11.73 -10.11
C GLU A 47 12.09 12.05 -8.87
N ASP A 48 11.45 12.43 -7.73
CA ASP A 48 12.16 12.71 -6.48
C ASP A 48 12.83 11.47 -5.94
N LEU A 49 12.14 10.31 -6.03
CA LEU A 49 12.63 9.00 -5.57
C LEU A 49 13.83 8.52 -6.34
N LEU A 50 13.79 8.64 -7.69
CA LEU A 50 14.92 8.21 -8.54
C LEU A 50 16.17 9.10 -8.36
N ARG A 51 15.96 10.42 -8.25
CA ARG A 51 16.99 11.44 -8.02
C ARG A 51 17.75 11.15 -6.69
N GLN A 52 16.98 10.77 -5.65
CA GLN A 52 17.50 10.47 -4.32
C GLN A 52 18.32 9.19 -4.21
N ARG A 53 18.36 8.33 -5.25
CA ARG A 53 19.08 7.05 -5.23
C ARG A 53 20.55 7.10 -4.82
N SER A 54 21.22 8.20 -5.15
CA SER A 54 22.63 8.42 -4.83
C SER A 54 22.78 8.86 -3.36
N ASN A 55 21.69 9.32 -2.73
CA ASN A 55 21.70 9.76 -1.33
C ASN A 55 21.43 8.53 -0.41
N ILE A 56 22.53 7.88 -0.02
CA ILE A 56 22.57 6.66 0.76
C ILE A 56 23.09 6.98 2.15
N PHE A 57 22.47 6.37 3.18
CA PHE A 57 22.92 6.55 4.58
C PHE A 57 24.34 6.03 4.73
N SER A 58 25.19 6.75 5.51
CA SER A 58 26.59 6.33 5.76
C SER A 58 26.60 5.20 6.78
N ARG A 59 27.75 4.48 6.92
CA ARG A 59 27.92 3.41 7.90
C ARG A 59 27.57 3.92 9.33
N GLU A 60 27.93 5.19 9.64
CA GLU A 60 27.61 5.83 10.91
C GLU A 60 26.11 6.08 11.11
N GLU A 61 25.41 6.51 10.05
CA GLU A 61 23.96 6.71 10.13
C GLU A 61 23.24 5.38 10.34
N VAL A 62 23.69 4.31 9.65
CA VAL A 62 23.15 2.96 9.76
C VAL A 62 23.26 2.47 11.21
N THR A 63 24.46 2.60 11.81
CA THR A 63 24.81 2.26 13.19
C THR A 63 23.93 3.04 14.17
N GLY A 64 23.69 4.32 13.87
CA GLY A 64 22.81 5.16 14.70
C GLY A 64 21.37 4.66 14.73
N TYR A 65 20.84 4.17 13.58
CA TYR A 65 19.49 3.60 13.54
C TYR A 65 19.47 2.28 14.28
N GLN A 66 20.55 1.51 14.18
CA GLN A 66 20.68 0.20 14.81
C GLN A 66 20.77 0.31 16.33
N ARG A 67 21.32 1.44 16.82
CA ARG A 67 21.48 1.71 18.27
C ARG A 67 20.23 2.30 18.92
N LYS A 68 19.23 2.63 18.10
CA LYS A 68 17.96 3.13 18.63
C LYS A 68 17.28 1.98 19.35
N SER A 69 16.54 2.28 20.40
CA SER A 69 15.85 1.23 21.13
C SER A 69 14.80 0.61 20.20
N MET A 70 14.43 -0.64 20.47
CA MET A 70 13.41 -1.36 19.74
C MET A 70 12.08 -0.55 19.69
N TRP A 71 11.66 -0.01 20.85
CA TRP A 71 10.43 0.74 20.97
C TRP A 71 10.42 2.04 20.16
N GLU A 72 11.54 2.76 20.16
CA GLU A 72 11.75 4.01 19.40
C GLU A 72 11.67 3.74 17.89
N MET A 73 12.35 2.69 17.44
CA MET A 73 12.35 2.31 16.03
C MET A 73 10.92 1.92 15.58
N TRP A 74 10.22 1.09 16.38
CA TRP A 74 8.83 0.68 16.13
C TRP A 74 7.90 1.89 16.00
N GLU A 75 8.08 2.89 16.88
CA GLU A 75 7.27 4.08 16.87
C GLU A 75 7.46 4.93 15.61
N ARG A 76 8.72 5.14 15.19
CA ARG A 76 9.07 5.90 13.99
C ARG A 76 8.44 5.19 12.76
N CYS A 77 8.57 3.85 12.69
CA CYS A 77 8.03 3.06 11.58
C CYS A 77 6.51 3.06 11.53
N ALA A 78 5.85 3.07 12.72
CA ALA A 78 4.39 3.12 12.87
C ALA A 78 3.82 4.46 12.34
N HIS A 79 4.47 5.59 12.69
CA HIS A 79 4.14 6.95 12.23
C HIS A 79 4.36 7.03 10.70
N HIS A 80 5.47 6.50 10.17
CA HIS A 80 5.67 6.53 8.72
C HIS A 80 4.63 5.68 7.99
N LEU A 81 4.26 4.51 8.56
CA LEU A 81 3.23 3.65 7.96
C LEU A 81 1.90 4.39 7.91
N THR A 82 1.52 5.02 9.04
CA THR A 82 0.30 5.83 9.21
C THR A 82 0.21 6.90 8.15
N GLU A 83 1.30 7.66 7.94
CA GLU A 83 1.32 8.71 6.90
C GLU A 83 1.09 8.09 5.51
N ALA A 84 1.73 6.92 5.21
CA ALA A 84 1.51 6.24 3.94
C ALA A 84 0.01 5.88 3.77
N ILE A 85 -0.61 5.31 4.84
CA ILE A 85 -2.01 4.90 4.90
C ILE A 85 -2.96 6.05 4.61
N GLN A 86 -2.60 7.24 5.12
CA GLN A 86 -3.40 8.43 4.92
C GLN A 86 -3.56 8.74 3.44
N TYR A 87 -2.51 8.60 2.66
CA TYR A 87 -2.56 8.84 1.21
C TYR A 87 -3.39 7.77 0.48
N VAL A 88 -3.42 6.54 1.02
CA VAL A 88 -4.18 5.41 0.50
C VAL A 88 -5.68 5.63 0.75
N VAL A 89 -6.04 6.20 1.91
CA VAL A 89 -7.45 6.54 2.21
C VAL A 89 -7.96 7.58 1.16
N GLU A 90 -7.13 8.60 0.87
CA GLU A 90 -7.42 9.64 -0.11
C GLU A 90 -7.57 9.04 -1.52
N PHE A 91 -6.65 8.14 -1.92
CA PHE A 91 -6.73 7.40 -3.17
C PHE A 91 -8.04 6.64 -3.27
N ALA A 92 -8.44 5.92 -2.20
CA ALA A 92 -9.71 5.17 -2.15
C ALA A 92 -10.90 6.11 -2.39
N LYS A 93 -10.94 7.24 -1.65
CA LYS A 93 -12.02 8.23 -1.75
C LYS A 93 -12.18 8.77 -3.17
N ARG A 94 -11.06 8.94 -3.90
CA ARG A 94 -11.05 9.47 -5.26
C ARG A 94 -11.39 8.43 -6.30
N LEU A 95 -11.35 7.15 -5.91
CA LEU A 95 -11.62 6.00 -6.79
C LEU A 95 -13.09 5.92 -7.15
N SER A 96 -13.41 5.83 -8.47
CA SER A 96 -14.80 5.75 -8.98
C SER A 96 -15.54 4.60 -8.30
N GLY A 97 -16.70 4.91 -7.75
CA GLY A 97 -17.55 3.97 -7.04
C GLY A 97 -17.28 3.76 -5.56
N PHE A 98 -16.04 4.03 -5.08
CA PHE A 98 -15.72 3.81 -3.66
C PHE A 98 -16.62 4.57 -2.69
N MET A 99 -16.83 5.87 -2.92
CA MET A 99 -17.69 6.70 -2.06
C MET A 99 -19.17 6.36 -2.17
N GLU A 100 -19.53 5.56 -3.18
CA GLU A 100 -20.92 5.13 -3.40
C GLU A 100 -21.21 3.84 -2.65
N LEU A 101 -20.16 3.13 -2.15
CA LEU A 101 -20.34 1.94 -1.31
C LEU A 101 -20.71 2.46 0.08
N CYS A 102 -21.36 1.62 0.92
CA CYS A 102 -21.71 2.01 2.29
C CYS A 102 -20.46 2.11 3.15
N GLN A 103 -20.56 2.82 4.27
CA GLN A 103 -19.42 3.02 5.16
C GLN A 103 -18.86 1.73 5.74
N ASN A 104 -19.72 0.72 6.05
CA ASN A 104 -19.24 -0.57 6.52
C ASN A 104 -18.27 -1.16 5.51
N ASP A 105 -18.68 -1.19 4.23
CA ASP A 105 -17.91 -1.74 3.13
C ASP A 105 -16.64 -1.00 2.82
N GLN A 106 -16.66 0.35 2.92
CA GLN A 106 -15.51 1.23 2.70
C GLN A 106 -14.43 0.90 3.74
N ILE A 107 -14.84 0.75 5.00
CA ILE A 107 -13.97 0.44 6.13
C ILE A 107 -13.46 -1.00 6.01
N VAL A 108 -14.32 -1.94 5.59
CA VAL A 108 -13.89 -3.32 5.37
C VAL A 108 -12.76 -3.29 4.31
N LEU A 109 -12.99 -2.59 3.18
CA LEU A 109 -11.98 -2.52 2.11
C LEU A 109 -10.68 -1.90 2.54
N LEU A 110 -10.74 -0.77 3.27
CA LEU A 110 -9.54 -0.09 3.73
C LEU A 110 -8.76 -0.85 4.80
N LYS A 111 -9.46 -1.47 5.76
CA LYS A 111 -8.81 -2.27 6.81
C LYS A 111 -8.06 -3.48 6.25
N ALA A 112 -8.61 -4.13 5.22
CA ALA A 112 -7.94 -5.32 4.68
C ALA A 112 -6.92 -4.95 3.59
N GLY A 113 -7.16 -3.85 2.89
CA GLY A 113 -6.31 -3.49 1.77
C GLY A 113 -5.31 -2.37 1.90
N ALA A 114 -5.51 -1.39 2.85
CA ALA A 114 -4.62 -0.24 2.95
C ALA A 114 -3.14 -0.60 3.04
N MET A 115 -2.81 -1.54 3.92
CA MET A 115 -1.43 -2.04 4.13
C MET A 115 -0.93 -2.71 2.86
N GLU A 116 -1.81 -3.46 2.15
CA GLU A 116 -1.44 -4.14 0.91
C GLU A 116 -1.03 -3.14 -0.16
N VAL A 117 -1.77 -2.02 -0.26
CA VAL A 117 -1.52 -0.93 -1.20
C VAL A 117 -0.17 -0.27 -0.87
N VAL A 118 0.06 0.04 0.41
CA VAL A 118 1.32 0.61 0.89
C VAL A 118 2.49 -0.33 0.47
N LEU A 119 2.31 -1.64 0.66
CA LEU A 119 3.34 -2.65 0.32
C LEU A 119 3.67 -2.66 -1.18
N VAL A 120 2.66 -2.47 -2.02
CA VAL A 120 2.89 -2.38 -3.45
C VAL A 120 3.57 -1.03 -3.79
N ARG A 121 3.01 0.09 -3.31
CA ARG A 121 3.55 1.44 -3.56
C ARG A 121 5.04 1.53 -3.21
N MET A 122 5.46 0.76 -2.21
CA MET A 122 6.83 0.70 -1.68
C MET A 122 7.92 0.39 -2.72
N CYS A 123 7.60 -0.47 -3.74
CA CYS A 123 8.55 -0.85 -4.79
C CYS A 123 9.13 0.35 -5.54
N ARG A 124 8.39 1.49 -5.58
CA ARG A 124 8.84 2.73 -6.22
C ARG A 124 10.00 3.36 -5.41
N ALA A 125 9.95 3.24 -4.07
CA ALA A 125 10.94 3.78 -3.13
C ALA A 125 12.07 2.80 -2.86
N TYR A 126 12.07 1.68 -3.58
CA TYR A 126 13.03 0.62 -3.43
C TYR A 126 13.93 0.55 -4.65
N ASN A 127 15.23 0.45 -4.41
CA ASN A 127 16.24 0.38 -5.46
C ASN A 127 16.81 -1.03 -5.57
N ALA A 128 16.39 -1.79 -6.60
CA ALA A 128 16.86 -3.16 -6.84
C ALA A 128 18.35 -3.27 -7.11
N ASP A 129 18.97 -2.20 -7.64
CA ASP A 129 20.41 -2.15 -7.93
C ASP A 129 21.29 -2.47 -6.73
N ASN A 130 21.05 -1.79 -5.59
CA ASN A 130 21.85 -1.96 -4.35
C ASN A 130 21.01 -2.47 -3.15
N ARG A 131 19.75 -2.89 -3.41
CA ARG A 131 18.81 -3.43 -2.38
C ARG A 131 18.53 -2.46 -1.22
N THR A 132 18.26 -1.20 -1.56
CA THR A 132 18.00 -0.17 -0.56
C THR A 132 16.61 0.40 -0.72
N VAL A 133 16.12 1.05 0.33
CA VAL A 133 14.82 1.67 0.38
C VAL A 133 14.95 3.10 0.88
N PHE A 134 14.10 4.00 0.37
CA PHE A 134 14.05 5.37 0.81
C PHE A 134 13.33 5.37 2.18
N PHE A 135 14.02 5.92 3.19
CA PHE A 135 13.57 5.95 4.56
C PHE A 135 14.14 7.22 5.20
N GLU A 136 13.28 8.10 5.76
CA GLU A 136 13.66 9.35 6.45
C GLU A 136 14.73 10.17 5.68
N GLY A 137 14.50 10.37 4.38
CA GLY A 137 15.35 11.20 3.52
C GLY A 137 16.51 10.56 2.80
N LYS A 138 16.88 9.30 3.15
CA LYS A 138 17.97 8.65 2.43
C LYS A 138 17.65 7.20 2.12
N TYR A 139 18.46 6.56 1.29
CA TYR A 139 18.32 5.15 0.96
C TYR A 139 19.20 4.35 1.91
N GLY A 140 18.65 3.26 2.42
CA GLY A 140 19.36 2.36 3.33
C GLY A 140 18.94 0.93 3.09
N GLY A 141 19.85 0.00 3.37
CA GLY A 141 19.61 -1.44 3.26
C GLY A 141 18.72 -1.92 4.41
N MET A 142 18.32 -3.19 4.39
CA MET A 142 17.45 -3.74 5.44
C MET A 142 18.09 -3.73 6.83
N GLU A 143 19.44 -3.67 6.90
CA GLU A 143 20.15 -3.59 8.17
C GLU A 143 19.78 -2.33 8.98
N LEU A 144 19.17 -1.33 8.33
CA LEU A 144 18.70 -0.06 8.91
C LEU A 144 17.61 -0.31 9.98
N PHE A 145 16.79 -1.35 9.76
CA PHE A 145 15.64 -1.74 10.58
C PHE A 145 15.93 -2.87 11.60
N ARG A 146 17.23 -3.20 11.84
CA ARG A 146 17.66 -4.28 12.74
C ARG A 146 17.15 -4.18 14.21
N ALA A 147 16.97 -2.94 14.74
CA ALA A 147 16.46 -2.69 16.09
C ALA A 147 15.00 -3.11 16.31
N LEU A 148 14.20 -3.21 15.21
CA LEU A 148 12.80 -3.65 15.27
C LEU A 148 12.64 -5.07 15.80
N GLY A 149 13.65 -5.90 15.58
CA GLY A 149 13.61 -7.30 15.98
C GLY A 149 12.58 -8.12 15.22
N CYS A 150 12.46 -7.87 13.90
CA CYS A 150 11.60 -8.66 13.03
C CYS A 150 12.24 -8.81 11.64
N SER A 151 13.43 -9.43 11.62
CA SER A 151 14.29 -9.66 10.44
C SER A 151 13.64 -10.44 9.33
N GLU A 152 12.80 -11.42 9.67
CA GLU A 152 12.09 -12.23 8.68
C GLU A 152 11.08 -11.38 7.97
N LEU A 153 10.27 -10.58 8.72
CA LEU A 153 9.32 -9.68 8.08
C LEU A 153 10.02 -8.66 7.15
N ILE A 154 11.06 -7.99 7.61
CA ILE A 154 11.79 -7.00 6.85
C ILE A 154 12.39 -7.58 5.57
N SER A 155 13.08 -8.73 5.66
CA SER A 155 13.62 -9.35 4.46
C SER A 155 12.51 -9.80 3.51
N SER A 156 11.34 -10.25 4.03
CA SER A 156 10.17 -10.65 3.21
C SER A 156 9.59 -9.40 2.53
N ILE A 157 9.68 -8.23 3.19
CA ILE A 157 9.19 -6.96 2.61
C ILE A 157 10.15 -6.50 1.50
N PHE A 158 11.47 -6.60 1.73
CA PHE A 158 12.51 -6.23 0.76
C PHE A 158 12.45 -7.17 -0.47
N ASP A 159 12.17 -8.45 -0.24
CA ASP A 159 12.06 -9.45 -1.33
C ASP A 159 10.85 -9.18 -2.21
N PHE A 160 9.74 -8.75 -1.58
CA PHE A 160 8.50 -8.43 -2.31
C PHE A 160 8.70 -7.22 -3.22
N SER A 161 9.31 -6.15 -2.67
CA SER A 161 9.63 -4.91 -3.36
C SER A 161 10.61 -5.26 -4.50
N HIS A 162 11.60 -6.12 -4.22
CA HIS A 162 12.56 -6.59 -5.21
C HIS A 162 11.87 -7.28 -6.38
N SER A 163 10.92 -8.18 -6.10
CA SER A 163 10.18 -8.88 -7.13
C SER A 163 9.24 -7.97 -7.92
N LEU A 164 8.63 -6.95 -7.28
CA LEU A 164 7.79 -5.97 -7.99
C LEU A 164 8.67 -5.05 -8.83
N SER A 165 9.90 -4.72 -8.34
CA SER A 165 10.86 -3.86 -9.06
C SER A 165 11.28 -4.45 -10.41
N ALA A 166 11.40 -5.79 -10.47
CA ALA A 166 11.78 -6.56 -11.66
C ALA A 166 10.70 -6.50 -12.75
N LEU A 167 9.48 -6.01 -12.41
CA LEU A 167 8.40 -5.88 -13.37
C LEU A 167 8.46 -4.55 -14.10
N HIS A 168 9.25 -3.59 -13.56
CA HIS A 168 9.44 -2.24 -14.10
C HIS A 168 8.12 -1.53 -14.38
N PHE A 169 7.21 -1.57 -13.40
CA PHE A 169 5.90 -0.95 -13.48
C PHE A 169 5.98 0.51 -13.83
N SER A 170 5.03 0.96 -14.67
CA SER A 170 4.86 2.39 -14.93
C SER A 170 3.98 2.91 -13.76
N GLU A 171 3.86 4.24 -13.64
CA GLU A 171 3.01 4.91 -12.64
C GLU A 171 1.54 4.58 -12.91
N ASP A 172 1.18 4.41 -14.20
CA ASP A 172 -0.18 4.04 -14.62
C ASP A 172 -0.48 2.58 -14.27
N GLU A 173 0.51 1.67 -14.38
CA GLU A 173 0.31 0.27 -14.01
C GLU A 173 0.08 0.12 -12.48
N ILE A 174 0.85 0.84 -11.68
CA ILE A 174 0.72 0.86 -10.22
C ILE A 174 -0.64 1.37 -9.83
N ALA A 175 -1.07 2.47 -10.48
CA ALA A 175 -2.38 3.07 -10.33
C ALA A 175 -3.47 2.02 -10.46
N LEU A 176 -3.48 1.29 -11.58
CA LEU A 176 -4.52 0.30 -11.86
C LEU A 176 -4.42 -0.95 -11.02
N TYR A 177 -3.19 -1.43 -10.78
CA TYR A 177 -2.98 -2.62 -9.96
C TYR A 177 -3.37 -2.35 -8.49
N THR A 178 -3.07 -1.14 -7.97
CA THR A 178 -3.46 -0.78 -6.57
C THR A 178 -4.94 -0.59 -6.40
N ALA A 179 -5.63 -0.07 -7.45
CA ALA A 179 -7.10 0.07 -7.45
C ALA A 179 -7.72 -1.31 -7.25
N LEU A 180 -7.19 -2.29 -7.98
CA LEU A 180 -7.64 -3.68 -7.88
C LEU A 180 -7.26 -4.37 -6.55
N VAL A 181 -6.11 -4.05 -5.97
CA VAL A 181 -5.71 -4.58 -4.65
C VAL A 181 -6.77 -4.17 -3.58
N LEU A 182 -7.21 -2.93 -3.63
CA LEU A 182 -8.22 -2.38 -2.73
C LEU A 182 -9.66 -2.87 -3.04
N ILE A 183 -10.08 -2.86 -4.33
CA ILE A 183 -11.46 -3.27 -4.63
C ILE A 183 -11.51 -4.77 -4.89
N ASN A 184 -11.60 -5.52 -3.79
CA ASN A 184 -11.61 -6.98 -3.74
C ASN A 184 -12.93 -7.41 -3.08
N ALA A 185 -13.83 -7.97 -3.88
CA ALA A 185 -15.14 -8.40 -3.45
C ALA A 185 -15.12 -9.65 -2.54
N HIS A 186 -13.94 -10.23 -2.32
CA HIS A 186 -13.79 -11.39 -1.47
C HIS A 186 -13.50 -11.04 -0.03
N ARG A 187 -13.16 -9.75 0.28
CA ARG A 187 -12.87 -9.36 1.68
C ARG A 187 -14.00 -9.76 2.61
N PRO A 188 -13.73 -10.61 3.63
CA PRO A 188 -14.78 -10.94 4.62
C PRO A 188 -15.47 -9.72 5.24
N GLY A 189 -16.80 -9.74 5.32
CA GLY A 189 -17.56 -8.65 5.95
C GLY A 189 -18.25 -7.64 5.07
N LEU A 190 -18.06 -7.77 3.76
CA LEU A 190 -18.66 -6.88 2.78
C LEU A 190 -20.14 -7.18 2.71
N GLN A 191 -20.95 -6.16 2.98
CA GLN A 191 -22.42 -6.29 2.97
C GLN A 191 -22.95 -6.28 1.53
N GLU A 192 -22.47 -5.33 0.70
CA GLU A 192 -22.86 -5.21 -0.71
C GLU A 192 -21.80 -5.83 -1.63
N LYS A 193 -21.59 -7.13 -1.46
CA LYS A 193 -20.64 -7.97 -2.20
C LYS A 193 -20.80 -7.86 -3.75
N ARG A 194 -22.04 -8.02 -4.29
CA ARG A 194 -22.37 -7.92 -5.71
C ARG A 194 -21.98 -6.56 -6.29
N LYS A 195 -22.25 -5.48 -5.54
CA LYS A 195 -21.84 -4.12 -5.91
C LYS A 195 -20.30 -4.07 -6.00
N VAL A 196 -19.57 -4.65 -4.99
CA VAL A 196 -18.09 -4.69 -5.00
C VAL A 196 -17.59 -5.56 -6.16
N GLU A 197 -18.29 -6.67 -6.44
CA GLU A 197 -17.93 -7.56 -7.54
C GLU A 197 -17.98 -6.85 -8.90
N GLN A 198 -19.01 -6.03 -9.13
CA GLN A 198 -19.13 -5.32 -10.38
C GLN A 198 -18.07 -4.23 -10.52
N LEU A 199 -17.84 -3.46 -9.45
CA LEU A 199 -16.79 -2.44 -9.44
C LEU A 199 -15.41 -3.09 -9.71
N GLN A 200 -15.12 -4.24 -9.06
CA GLN A 200 -13.90 -5.02 -9.22
C GLN A 200 -13.74 -5.50 -10.69
N TYR A 201 -14.81 -6.09 -11.26
CA TYR A 201 -14.85 -6.54 -12.66
C TYR A 201 -14.43 -5.42 -13.62
N ASN A 202 -15.03 -4.21 -13.48
CA ASN A 202 -14.75 -3.01 -14.28
C ASN A 202 -13.30 -2.50 -14.15
N LEU A 203 -12.77 -2.45 -12.91
CA LEU A 203 -11.36 -2.12 -12.64
C LEU A 203 -10.41 -3.19 -13.22
N GLU A 204 -10.83 -4.46 -13.17
CA GLU A 204 -10.03 -5.57 -13.77
C GLU A 204 -9.89 -5.32 -15.28
N LEU A 205 -11.02 -5.06 -15.94
CA LEU A 205 -11.19 -4.72 -17.34
C LEU A 205 -10.35 -3.47 -17.68
N ALA A 206 -10.42 -2.40 -16.83
CA ALA A 206 -9.63 -1.16 -17.05
C ALA A 206 -8.12 -1.45 -17.00
N PHE A 207 -7.68 -2.28 -16.01
CA PHE A 207 -6.26 -2.64 -15.89
C PHE A 207 -5.80 -3.50 -17.10
N HIS A 208 -6.58 -4.54 -17.43
CA HIS A 208 -6.24 -5.44 -18.55
C HIS A 208 -6.33 -4.71 -19.90
N HIS A 209 -7.27 -3.76 -20.03
CA HIS A 209 -7.39 -2.95 -21.24
C HIS A 209 -6.12 -2.11 -21.46
N HIS A 210 -5.68 -1.41 -20.40
CA HIS A 210 -4.49 -0.57 -20.47
C HIS A 210 -3.24 -1.40 -20.84
N LEU A 211 -3.11 -2.61 -20.25
CA LEU A 211 -1.98 -3.51 -20.54
C LEU A 211 -2.00 -3.96 -21.98
N CYS A 212 -3.20 -4.28 -22.52
CA CYS A 212 -3.40 -4.70 -23.91
C CYS A 212 -2.95 -3.59 -24.88
N LYS A 213 -3.39 -2.35 -24.61
CA LYS A 213 -3.14 -1.15 -25.40
C LYS A 213 -1.66 -0.73 -25.40
N THR A 214 -0.94 -1.06 -24.31
CA THR A 214 0.47 -0.73 -24.11
C THR A 214 1.39 -1.95 -24.30
N HIS A 215 0.83 -3.10 -24.76
CA HIS A 215 1.55 -4.35 -25.03
C HIS A 215 2.31 -4.83 -23.81
N ARG A 216 1.60 -4.85 -22.66
CA ARG A 216 2.15 -5.20 -21.37
C ARG A 216 1.42 -6.33 -20.66
N GLN A 217 0.59 -7.12 -21.42
CA GLN A 217 -0.15 -8.26 -20.86
C GLN A 217 0.79 -9.33 -20.25
N SER A 218 2.06 -9.46 -20.77
CA SER A 218 3.07 -10.42 -20.27
C SER A 218 3.35 -10.29 -18.76
N ILE A 219 3.02 -9.13 -18.17
CA ILE A 219 3.22 -8.92 -16.74
C ILE A 219 2.14 -9.64 -15.89
N LEU A 220 0.96 -9.95 -16.46
CA LEU A 220 -0.12 -10.61 -15.68
C LEU A 220 0.29 -11.91 -14.97
N ALA A 221 0.92 -12.86 -15.71
CA ALA A 221 1.46 -14.12 -15.19
C ALA A 221 2.58 -13.88 -14.19
N LYS A 222 3.24 -12.70 -14.27
CA LYS A 222 4.37 -12.31 -13.40
C LYS A 222 3.98 -11.62 -12.10
N LEU A 223 2.71 -11.25 -11.95
CA LEU A 223 2.25 -10.59 -10.74
C LEU A 223 2.29 -11.54 -9.51
N PRO A 224 2.59 -11.05 -8.30
CA PRO A 224 2.59 -11.96 -7.12
C PRO A 224 1.21 -12.58 -6.83
N PRO A 225 1.15 -13.83 -6.31
CA PRO A 225 -0.17 -14.41 -5.97
C PRO A 225 -0.79 -13.67 -4.78
N LYS A 226 -2.16 -13.64 -4.65
CA LYS A 226 -2.84 -12.90 -3.57
C LYS A 226 -2.43 -13.31 -2.14
N GLY A 227 -2.12 -14.60 -1.99
CA GLY A 227 -1.64 -15.16 -0.73
C GLY A 227 -0.35 -14.52 -0.27
N LYS A 228 0.43 -13.94 -1.21
CA LYS A 228 1.71 -13.27 -0.91
C LYS A 228 1.47 -11.97 -0.09
N LEU A 229 0.54 -11.09 -0.54
CA LEU A 229 0.21 -9.84 0.15
C LEU A 229 -0.42 -10.13 1.52
N ARG A 230 -1.28 -11.17 1.58
CA ARG A 230 -1.95 -11.61 2.80
C ARG A 230 -0.92 -12.07 3.85
N SER A 231 0.10 -12.85 3.41
CA SER A 231 1.15 -13.37 4.27
C SER A 231 1.90 -12.20 4.92
N LEU A 232 2.28 -11.22 4.11
CA LEU A 232 3.00 -10.03 4.59
C LEU A 232 2.17 -9.26 5.62
N CYS A 233 0.85 -9.15 5.37
CA CYS A 233 -0.08 -8.48 6.27
C CYS A 233 -0.32 -9.20 7.57
N SER A 234 -0.41 -10.55 7.53
CA SER A 234 -0.56 -11.42 8.71
C SER A 234 0.74 -11.40 9.50
N GLN A 235 1.91 -11.37 8.81
CA GLN A 235 3.21 -11.29 9.47
C GLN A 235 3.34 -9.96 10.22
N HIS A 236 2.86 -8.83 9.64
CA HIS A 236 2.86 -7.52 10.32
C HIS A 236 1.98 -7.57 11.58
N VAL A 237 0.76 -8.10 11.48
CA VAL A 237 -0.17 -8.24 12.62
C VAL A 237 0.48 -9.07 13.75
N GLU A 238 1.12 -10.20 13.41
CA GLU A 238 1.83 -11.10 14.31
C GLU A 238 3.00 -10.42 15.02
N ARG A 239 3.90 -9.73 14.26
CA ARG A 239 5.02 -9.02 14.84
C ARG A 239 4.54 -7.90 15.78
N LEU A 240 3.44 -7.18 15.42
CA LEU A 240 2.86 -6.12 16.27
C LEU A 240 2.38 -6.72 17.61
N GLN A 241 1.75 -7.91 17.59
CA GLN A 241 1.31 -8.59 18.82
C GLN A 241 2.52 -8.87 19.75
N ILE A 242 3.64 -9.39 19.20
CA ILE A 242 4.87 -9.66 19.98
C ILE A 242 5.38 -8.33 20.61
N PHE A 243 5.47 -7.25 19.80
CA PHE A 243 5.93 -5.95 20.28
C PHE A 243 5.03 -5.37 21.34
N GLN A 244 3.69 -5.47 21.13
CA GLN A 244 2.66 -4.97 22.04
C GLN A 244 2.81 -5.61 23.40
N HIS A 245 3.09 -6.91 23.46
CA HIS A 245 3.28 -7.65 24.72
C HIS A 245 4.49 -7.08 25.49
N LEU A 246 5.59 -6.82 24.77
CA LEU A 246 6.85 -6.27 25.30
C LEU A 246 6.77 -4.82 25.76
N HIS A 247 6.04 -3.97 25.01
CA HIS A 247 5.94 -2.54 25.27
C HIS A 247 4.50 -2.05 25.13
N PRO A 248 3.57 -2.52 26.02
CA PRO A 248 2.15 -2.14 25.85
C PRO A 248 1.80 -0.66 25.99
N ILE A 249 2.51 0.08 26.85
CA ILE A 249 2.25 1.51 27.07
C ILE A 249 2.79 2.32 25.88
N VAL A 250 3.89 1.86 25.24
CA VAL A 250 4.45 2.46 24.03
C VAL A 250 3.31 2.48 22.97
N VAL A 251 2.62 1.34 22.79
CA VAL A 251 1.49 1.19 21.84
C VAL A 251 0.34 2.12 22.24
N GLN A 252 -0.09 2.03 23.49
CA GLN A 252 -1.17 2.83 24.03
C GLN A 252 -0.93 4.36 23.94
N ALA A 253 0.28 4.80 24.34
CA ALA A 253 0.60 6.23 24.45
C ALA A 253 1.24 6.90 23.23
N ALA A 254 2.08 6.18 22.48
CA ALA A 254 2.85 6.78 21.39
C ALA A 254 2.60 6.25 19.96
N PHE A 255 1.75 5.24 19.80
CA PHE A 255 1.44 4.72 18.46
C PHE A 255 0.28 5.52 17.89
N PRO A 256 0.31 5.88 16.58
CA PRO A 256 -0.79 6.68 16.04
C PRO A 256 -2.17 6.00 16.11
N PRO A 257 -3.24 6.74 16.49
CA PRO A 257 -4.61 6.16 16.56
C PRO A 257 -5.07 5.42 15.29
N LEU A 258 -4.71 5.89 14.08
CA LEU A 258 -5.10 5.24 12.82
C LEU A 258 -4.43 3.90 12.65
N TYR A 259 -3.14 3.82 13.02
CA TYR A 259 -2.36 2.58 13.00
C TYR A 259 -3.08 1.50 13.88
N LYS A 260 -3.44 1.87 15.10
CA LYS A 260 -4.09 0.96 16.05
C LYS A 260 -5.49 0.54 15.59
N GLU A 261 -6.22 1.46 14.98
CA GLU A 261 -7.56 1.19 14.43
C GLU A 261 -7.48 0.13 13.33
N LEU A 262 -6.39 0.15 12.56
CA LEU A 262 -6.19 -0.81 11.47
C LEU A 262 -5.61 -2.14 11.86
N PHE A 263 -4.64 -2.15 12.80
CA PHE A 263 -3.84 -3.33 13.19
C PHE A 263 -4.06 -3.95 14.55
N SER A 264 -4.74 -3.25 15.48
CA SER A 264 -5.07 -3.79 16.82
C SER A 264 -6.45 -3.33 17.30
N LYS B 3 -12.84 5.14 14.76
CA LYS B 3 -13.04 6.56 14.99
C LYS B 3 -12.39 7.42 13.88
N ILE B 4 -11.07 7.27 13.67
CA ILE B 4 -10.29 8.03 12.68
C ILE B 4 -10.72 7.74 11.24
N LEU B 5 -10.78 6.44 10.85
CA LEU B 5 -11.17 6.02 9.50
C LEU B 5 -12.51 6.66 9.11
N HIS B 6 -13.50 6.64 10.03
CA HIS B 6 -14.83 7.23 9.89
C HIS B 6 -14.72 8.72 9.57
N ARG B 7 -13.89 9.44 10.35
CA ARG B 7 -13.62 10.87 10.25
C ARG B 7 -12.98 11.21 8.92
N LEU B 8 -11.97 10.43 8.49
CA LEU B 8 -11.27 10.65 7.22
C LEU B 8 -12.19 10.48 6.01
N LEU B 9 -13.11 9.50 6.09
CA LEU B 9 -14.08 9.20 5.01
C LEU B 9 -15.17 10.24 4.89
N GLN B 10 -15.59 10.83 6.02
CA GLN B 10 -16.66 11.83 6.13
C GLN B 10 -16.21 13.26 5.87
N ASP B 11 -14.89 13.55 5.95
CA ASP B 11 -14.32 14.89 5.78
C ASP B 11 -14.05 15.27 4.32
N SER B 12 -14.96 16.10 3.76
CA SER B 12 -14.88 16.60 2.38
C SER B 12 -14.87 18.12 2.36
#